data_1WS8
#
_entry.id   1WS8
#
_cell.length_a   63.920
_cell.length_b   63.920
_cell.length_c   245.350
_cell.angle_alpha   90.00
_cell.angle_beta   90.00
_cell.angle_gamma   120.00
#
_symmetry.space_group_name_H-M   'P 61'
#
loop_
_entity.id
_entity.type
_entity.pdbx_description
1 polymer mavicyanin
2 non-polymer 'COPPER (II) ION'
3 non-polymer GLYCEROL
4 water water
#
_entity_poly.entity_id   1
_entity_poly.type   'polypeptide(L)'
_entity_poly.pdbx_seq_one_letter_code
;MATVHKVGDSTGWTTLVPYDYAKWASSNKFHVGDSLLFNYNNKFHNVLQVDQEQFKSCNSSSPAASYTSGADSIPLKRPG
TFYFLCGIPGHCQLGQKVEIKVDPGSSSA
;
_entity_poly.pdbx_strand_id   A,B,C,D
#
# COMPACT_ATOMS: atom_id res chain seq x y z
N MET A 1 21.38 6.92 -18.12
CA MET A 1 21.34 6.93 -16.62
C MET A 1 20.10 7.63 -16.10
N ALA A 2 19.40 6.98 -15.18
CA ALA A 2 18.18 7.54 -14.59
C ALA A 2 18.49 8.91 -14.04
N THR A 3 17.52 9.83 -14.15
CA THR A 3 17.71 11.18 -13.66
C THR A 3 16.53 11.62 -12.79
N VAL A 4 16.83 12.42 -11.78
CA VAL A 4 15.82 12.93 -10.88
C VAL A 4 15.48 14.35 -11.33
N HIS A 5 14.21 14.59 -11.64
CA HIS A 5 13.78 15.91 -12.08
C HIS A 5 13.08 16.62 -10.93
N LYS A 6 13.65 17.72 -10.46
CA LYS A 6 13.03 18.48 -9.37
C LYS A 6 11.98 19.42 -9.95
N VAL A 7 10.71 19.12 -9.69
CA VAL A 7 9.61 19.90 -10.21
C VAL A 7 9.65 21.35 -9.78
N GLY A 8 9.73 22.25 -10.75
CA GLY A 8 9.78 23.67 -10.46
C GLY A 8 11.19 24.14 -10.11
N ASP A 9 12.16 23.24 -10.27
CA ASP A 9 13.54 23.58 -9.96
C ASP A 9 13.64 24.15 -8.55
N SER A 10 14.37 25.25 -8.38
CA SER A 10 14.52 25.85 -7.05
C SER A 10 13.22 26.41 -6.46
N THR A 11 12.25 26.69 -7.33
CA THR A 11 10.97 27.24 -6.86
C THR A 11 10.12 26.16 -6.21
N GLY A 12 10.27 24.93 -6.66
CA GLY A 12 9.51 23.84 -6.09
C GLY A 12 8.05 23.80 -6.50
N TRP A 13 7.27 23.05 -5.73
CA TRP A 13 5.83 22.83 -5.95
C TRP A 13 5.14 23.82 -5.01
N THR A 14 4.57 24.88 -5.57
CA THR A 14 3.97 25.93 -4.74
C THR A 14 2.88 26.75 -5.41
N THR A 15 2.22 27.59 -4.62
CA THR A 15 1.19 28.49 -5.12
C THR A 15 1.49 29.90 -4.60
N LEU A 16 2.63 30.07 -3.93
CA LEU A 16 3.00 31.37 -3.37
C LEU A 16 3.01 32.45 -4.44
N VAL A 17 3.54 32.09 -5.60
CA VAL A 17 3.60 33.00 -6.75
C VAL A 17 3.24 32.17 -7.98
N PRO A 18 2.84 32.83 -9.07
CA PRO A 18 2.50 32.06 -10.27
C PRO A 18 3.77 31.38 -10.76
N TYR A 19 3.64 30.16 -11.27
CA TYR A 19 4.79 29.45 -11.81
C TYR A 19 4.25 28.59 -12.94
N ASP A 20 4.89 28.68 -14.11
CA ASP A 20 4.44 27.92 -15.28
C ASP A 20 5.05 26.52 -15.28
N TYR A 21 4.33 25.55 -14.72
CA TYR A 21 4.84 24.19 -14.68
C TYR A 21 4.88 23.54 -16.06
N ALA A 22 4.07 24.04 -16.98
CA ALA A 22 4.04 23.50 -18.33
C ALA A 22 5.37 23.82 -19.02
N LYS A 23 5.90 25.02 -18.76
CA LYS A 23 7.17 25.40 -19.36
C LYS A 23 8.31 24.64 -18.69
N TRP A 24 8.16 24.34 -17.39
CA TRP A 24 9.17 23.59 -16.68
C TRP A 24 9.25 22.20 -17.35
N ALA A 25 8.09 21.60 -17.55
CA ALA A 25 8.03 20.26 -18.15
C ALA A 25 8.64 20.25 -19.55
N SER A 26 8.35 21.28 -20.35
CA SER A 26 8.86 21.36 -21.71
C SER A 26 10.38 21.53 -21.77
N SER A 27 10.96 22.10 -20.71
CA SER A 27 12.40 22.31 -20.68
C SER A 27 13.15 21.05 -20.21
N ASN A 28 12.38 20.02 -19.91
CA ASN A 28 12.95 18.75 -19.44
C ASN A 28 12.65 17.62 -20.43
N LYS A 29 13.45 16.57 -20.36
CA LYS A 29 13.23 15.40 -21.20
C LYS A 29 13.10 14.24 -20.23
N PHE A 30 11.92 13.62 -20.20
CA PHE A 30 11.67 12.53 -19.28
C PHE A 30 11.79 11.16 -19.96
N HIS A 31 12.60 10.30 -19.35
CA HIS A 31 12.84 8.96 -19.86
C HIS A 31 12.40 7.90 -18.85
N VAL A 32 12.04 6.72 -19.35
CA VAL A 32 11.65 5.64 -18.47
C VAL A 32 12.84 5.40 -17.55
N GLY A 33 12.56 5.24 -16.25
CA GLY A 33 13.63 5.02 -15.30
C GLY A 33 13.89 6.28 -14.48
N ASP A 34 13.44 7.41 -15.00
CA ASP A 34 13.61 8.70 -14.31
C ASP A 34 12.62 8.82 -13.17
N SER A 35 12.81 9.84 -12.34
CA SER A 35 11.92 10.10 -11.22
C SER A 35 11.64 11.59 -11.13
N LEU A 36 10.53 11.93 -10.48
CA LEU A 36 10.14 13.31 -10.26
C LEU A 36 10.28 13.53 -8.76
N LEU A 37 10.76 14.71 -8.37
CA LEU A 37 10.89 15.01 -6.96
C LEU A 37 10.06 16.27 -6.70
N PHE A 38 9.02 16.14 -5.88
CA PHE A 38 8.15 17.27 -5.54
C PHE A 38 8.49 17.74 -4.13
N ASN A 39 9.01 18.97 -4.05
CA ASN A 39 9.38 19.57 -2.76
C ASN A 39 8.35 20.64 -2.42
N TYR A 40 7.76 20.54 -1.25
CA TYR A 40 6.74 21.51 -0.84
C TYR A 40 6.47 21.43 0.65
N ASN A 41 5.73 22.40 1.16
CA ASN A 41 5.33 22.42 2.56
C ASN A 41 4.07 21.56 2.59
N ASN A 42 4.14 20.37 3.17
CA ASN A 42 2.98 19.49 3.18
C ASN A 42 1.80 19.95 4.04
N LYS A 43 1.91 21.13 4.63
CA LYS A 43 0.80 21.66 5.42
C LYS A 43 -0.10 22.46 4.45
N PHE A 44 0.43 22.75 3.27
CA PHE A 44 -0.32 23.52 2.28
C PHE A 44 -0.61 22.81 0.96
N HIS A 45 0.16 21.78 0.64
CA HIS A 45 -0.02 21.10 -0.64
C HIS A 45 0.13 19.58 -0.57
N ASN A 46 -0.19 18.94 -1.69
CA ASN A 46 -0.04 17.50 -1.84
C ASN A 46 0.14 17.24 -3.33
N VAL A 47 0.34 15.98 -3.69
CA VAL A 47 0.52 15.63 -5.10
C VAL A 47 -0.42 14.47 -5.39
N LEU A 48 -1.29 14.65 -6.38
CA LEU A 48 -2.21 13.59 -6.75
C LEU A 48 -1.99 13.21 -8.20
N GLN A 49 -2.03 11.92 -8.49
CA GLN A 49 -1.89 11.46 -9.87
C GLN A 49 -3.30 11.26 -10.37
N VAL A 50 -3.60 11.81 -11.54
CA VAL A 50 -4.94 11.73 -12.11
C VAL A 50 -4.86 11.38 -13.59
N ASP A 51 -6.01 11.24 -14.25
CA ASP A 51 -5.98 10.97 -15.68
C ASP A 51 -6.16 12.27 -16.45
N GLN A 52 -6.13 12.19 -17.78
CA GLN A 52 -6.26 13.37 -18.60
C GLN A 52 -7.53 14.18 -18.38
N GLU A 53 -8.67 13.50 -18.28
CA GLU A 53 -9.93 14.21 -18.09
C GLU A 53 -9.96 14.97 -16.76
N GLN A 54 -9.51 14.32 -15.69
CA GLN A 54 -9.50 14.95 -14.37
C GLN A 54 -8.50 16.11 -14.36
N PHE A 55 -7.39 15.93 -15.07
CA PHE A 55 -6.35 16.95 -15.16
C PHE A 55 -6.91 18.22 -15.80
N LYS A 56 -7.57 18.07 -16.95
CA LYS A 56 -8.13 19.22 -17.65
C LYS A 56 -9.21 19.97 -16.86
N SER A 57 -10.01 19.23 -16.11
CA SER A 57 -11.07 19.84 -15.34
C SER A 57 -10.68 20.12 -13.88
N CYS A 58 -9.43 19.86 -13.54
CA CYS A 58 -8.95 20.06 -12.18
C CYS A 58 -9.79 19.30 -11.17
N ASN A 59 -10.14 18.06 -11.53
CA ASN A 59 -10.94 17.20 -10.66
C ASN A 59 -10.00 16.41 -9.78
N SER A 60 -10.05 16.64 -8.47
CA SER A 60 -9.18 15.93 -7.54
C SER A 60 -9.96 15.00 -6.62
N SER A 61 -11.18 14.67 -6.99
CA SER A 61 -12.03 13.82 -6.17
C SER A 61 -11.75 12.32 -6.22
N SER A 62 -11.11 11.84 -7.29
CA SER A 62 -10.83 10.42 -7.41
C SER A 62 -9.45 10.13 -7.98
N PRO A 63 -8.39 10.45 -7.23
CA PRO A 63 -7.01 10.24 -7.65
C PRO A 63 -6.60 8.78 -7.77
N ALA A 64 -5.68 8.49 -8.69
CA ALA A 64 -5.19 7.13 -8.88
C ALA A 64 -4.10 6.87 -7.82
N ALA A 65 -3.49 7.94 -7.34
CA ALA A 65 -2.45 7.84 -6.33
C ALA A 65 -2.29 9.19 -5.62
N SER A 66 -1.83 9.17 -4.38
CA SER A 66 -1.66 10.40 -3.64
C SER A 66 -0.36 10.38 -2.85
N TYR A 67 0.28 11.54 -2.76
CA TYR A 67 1.55 11.69 -2.05
C TYR A 67 1.43 12.93 -1.18
N THR A 68 1.95 12.84 0.04
CA THR A 68 1.84 13.95 0.98
C THR A 68 3.07 14.17 1.87
N SER A 69 4.23 13.73 1.43
CA SER A 69 5.44 13.85 2.27
C SER A 69 6.15 15.19 2.25
N GLY A 70 5.96 15.97 1.19
CA GLY A 70 6.67 17.24 1.09
C GLY A 70 7.99 17.06 0.35
N ALA A 71 8.34 15.80 0.06
CA ALA A 71 9.56 15.47 -0.65
C ALA A 71 9.33 14.15 -1.39
N ASP A 72 8.23 14.10 -2.14
CA ASP A 72 7.84 12.89 -2.86
C ASP A 72 8.69 12.54 -4.08
N SER A 73 9.16 11.30 -4.11
CA SER A 73 9.92 10.82 -5.25
C SER A 73 8.94 9.90 -5.98
N ILE A 74 8.63 10.23 -7.21
CA ILE A 74 7.68 9.44 -8.00
C ILE A 74 8.37 8.88 -9.24
N PRO A 75 8.34 7.54 -9.39
CA PRO A 75 8.99 6.91 -10.55
C PRO A 75 8.19 6.96 -11.84
N LEU A 76 8.89 7.09 -12.96
CA LEU A 76 8.29 7.12 -14.29
C LEU A 76 8.72 5.79 -14.90
N LYS A 77 7.86 4.80 -14.79
CA LYS A 77 8.16 3.44 -15.23
C LYS A 77 7.84 3.03 -16.65
N ARG A 78 6.88 3.69 -17.30
CA ARG A 78 6.51 3.31 -18.66
C ARG A 78 6.28 4.50 -19.58
N PRO A 79 6.39 4.29 -20.90
CA PRO A 79 6.19 5.36 -21.90
C PRO A 79 4.74 5.81 -21.93
N GLY A 80 4.53 7.13 -21.97
CA GLY A 80 3.18 7.65 -22.01
C GLY A 80 3.09 8.99 -21.32
N THR A 81 1.88 9.49 -21.14
CA THR A 81 1.67 10.78 -20.49
C THR A 81 1.08 10.59 -19.10
N PHE A 82 1.69 11.24 -18.12
CA PHE A 82 1.21 11.16 -16.74
C PHE A 82 0.80 12.55 -16.30
N TYR A 83 -0.20 12.62 -15.43
CA TYR A 83 -0.72 13.90 -14.96
C TYR A 83 -0.73 14.01 -13.46
N PHE A 84 -0.25 15.15 -12.94
CA PHE A 84 -0.23 15.37 -11.51
C PHE A 84 -0.80 16.74 -11.18
N LEU A 85 -1.46 16.85 -10.03
CA LEU A 85 -2.02 18.13 -9.61
C LEU A 85 -2.13 18.17 -8.09
N CYS A 86 -2.22 19.37 -7.55
CA CYS A 86 -2.37 19.53 -6.11
C CYS A 86 -3.88 19.52 -5.88
N GLY A 87 -4.33 18.70 -4.94
CA GLY A 87 -5.74 18.57 -4.67
C GLY A 87 -6.36 19.54 -3.67
N ILE A 88 -5.55 20.37 -3.03
CA ILE A 88 -6.08 21.32 -2.07
C ILE A 88 -6.98 22.28 -2.84
N PRO A 89 -8.21 22.52 -2.34
CA PRO A 89 -9.16 23.41 -3.00
C PRO A 89 -8.58 24.67 -3.64
N GLY A 90 -8.84 24.82 -4.93
CA GLY A 90 -8.38 25.98 -5.67
C GLY A 90 -6.94 26.01 -6.17
N HIS A 91 -6.10 25.09 -5.70
CA HIS A 91 -4.71 25.10 -6.13
C HIS A 91 -4.50 24.71 -7.58
N CYS A 92 -5.23 23.72 -8.05
CA CYS A 92 -5.10 23.27 -9.43
C CYS A 92 -5.50 24.42 -10.36
N GLN A 93 -6.54 25.14 -9.98
CA GLN A 93 -7.04 26.25 -10.79
C GLN A 93 -6.02 27.39 -10.83
N LEU A 94 -5.17 27.46 -9.81
CA LEU A 94 -4.12 28.50 -9.77
C LEU A 94 -2.95 28.08 -10.64
N GLY A 95 -3.02 26.89 -11.21
CA GLY A 95 -1.97 26.42 -12.09
C GLY A 95 -1.01 25.38 -11.51
N GLN A 96 -1.30 24.88 -10.30
CA GLN A 96 -0.42 23.90 -9.70
C GLN A 96 -0.80 22.51 -10.21
N LYS A 97 -0.36 22.24 -11.43
CA LYS A 97 -0.66 20.96 -12.09
C LYS A 97 0.43 20.80 -13.16
N VAL A 98 0.76 19.56 -13.49
CA VAL A 98 1.79 19.37 -14.50
C VAL A 98 1.59 18.07 -15.28
N GLU A 99 1.78 18.18 -16.59
CA GLU A 99 1.67 17.05 -17.51
C GLU A 99 3.09 16.59 -17.82
N ILE A 100 3.33 15.29 -17.69
CA ILE A 100 4.65 14.72 -17.92
C ILE A 100 4.65 13.72 -19.07
N LYS A 101 5.38 14.03 -20.15
CA LYS A 101 5.47 13.14 -21.30
C LYS A 101 6.74 12.30 -21.19
N VAL A 102 6.56 11.00 -21.01
CA VAL A 102 7.70 10.10 -20.86
C VAL A 102 8.04 9.38 -22.16
N ASP A 103 9.21 9.68 -22.70
CA ASP A 103 9.70 9.08 -23.95
C ASP A 103 8.72 9.07 -25.12
N PRO A 104 8.28 10.27 -25.57
CA PRO A 104 7.35 10.28 -26.69
C PRO A 104 8.10 9.88 -27.97
N MET B 1 -8.26 -29.71 -10.35
CA MET B 1 -8.01 -28.94 -11.59
C MET B 1 -8.58 -27.53 -11.47
N ALA B 2 -8.52 -26.98 -10.26
CA ALA B 2 -9.03 -25.64 -10.00
C ALA B 2 -8.35 -24.63 -10.91
N THR B 3 -8.90 -23.42 -10.99
CA THR B 3 -8.32 -22.37 -11.83
C THR B 3 -8.29 -21.04 -11.11
N VAL B 4 -7.14 -20.39 -11.17
CA VAL B 4 -6.98 -19.07 -10.56
C VAL B 4 -7.19 -18.03 -11.64
N HIS B 5 -8.19 -17.17 -11.43
CA HIS B 5 -8.50 -16.13 -12.39
C HIS B 5 -7.91 -14.80 -11.94
N LYS B 6 -6.97 -14.28 -12.72
CA LYS B 6 -6.32 -13.01 -12.40
C LYS B 6 -7.20 -11.88 -12.93
N VAL B 7 -7.86 -11.17 -12.03
CA VAL B 7 -8.75 -10.08 -12.41
C VAL B 7 -8.05 -9.00 -13.23
N GLY B 8 -8.52 -8.80 -14.46
CA GLY B 8 -7.93 -7.81 -15.34
C GLY B 8 -6.65 -8.29 -15.99
N ASP B 9 -6.38 -9.59 -15.86
CA ASP B 9 -5.19 -10.18 -16.41
C ASP B 9 -3.93 -9.42 -16.02
N SER B 10 -3.07 -9.09 -16.98
CA SER B 10 -1.84 -8.38 -16.68
C SER B 10 -2.06 -6.94 -16.20
N THR B 11 -3.19 -6.36 -16.57
CA THR B 11 -3.51 -4.98 -16.18
C THR B 11 -3.83 -4.89 -14.68
N GLY B 12 -4.39 -5.96 -14.14
CA GLY B 12 -4.73 -5.97 -12.73
C GLY B 12 -5.94 -5.13 -12.38
N TRP B 13 -6.01 -4.76 -11.11
CA TRP B 13 -7.10 -3.99 -10.50
C TRP B 13 -6.60 -2.54 -10.38
N THR B 14 -7.06 -1.67 -11.28
CA THR B 14 -6.59 -0.29 -11.28
C THR B 14 -7.58 0.69 -11.89
N THR B 15 -7.26 1.99 -11.79
CA THR B 15 -8.09 3.05 -12.37
C THR B 15 -7.21 3.96 -13.22
N LEU B 16 -5.92 3.63 -13.32
CA LEU B 16 -4.98 4.44 -14.09
C LEU B 16 -5.43 4.60 -15.53
N VAL B 17 -5.97 3.53 -16.09
CA VAL B 17 -6.49 3.56 -17.45
C VAL B 17 -7.85 2.90 -17.45
N PRO B 18 -8.72 3.27 -18.41
CA PRO B 18 -10.03 2.65 -18.45
C PRO B 18 -9.82 1.18 -18.78
N TYR B 19 -10.46 0.30 -18.02
CA TYR B 19 -10.35 -1.13 -18.27
C TYR B 19 -11.73 -1.71 -18.10
N ASP B 20 -12.16 -2.49 -19.09
CA ASP B 20 -13.48 -3.09 -19.07
C ASP B 20 -13.51 -4.38 -18.25
N TYR B 21 -13.78 -4.27 -16.95
CA TYR B 21 -13.83 -5.45 -16.10
C TYR B 21 -15.01 -6.35 -16.43
N ALA B 22 -16.07 -5.76 -16.95
CA ALA B 22 -17.25 -6.52 -17.34
C ALA B 22 -16.91 -7.48 -18.47
N LYS B 23 -16.16 -6.98 -19.46
CA LYS B 23 -15.75 -7.81 -20.58
C LYS B 23 -14.82 -8.91 -20.08
N TRP B 24 -13.95 -8.57 -19.14
CA TRP B 24 -13.02 -9.56 -18.60
C TRP B 24 -13.80 -10.70 -17.95
N ALA B 25 -14.79 -10.35 -17.14
CA ALA B 25 -15.61 -11.35 -16.46
C ALA B 25 -16.37 -12.21 -17.47
N SER B 26 -16.88 -11.58 -18.51
CA SER B 26 -17.64 -12.27 -19.55
C SER B 26 -16.78 -13.20 -20.42
N SER B 27 -15.50 -12.91 -20.51
CA SER B 27 -14.59 -13.73 -21.32
C SER B 27 -14.00 -14.87 -20.50
N ASN B 28 -14.47 -15.02 -19.27
CA ASN B 28 -13.98 -16.08 -18.40
C ASN B 28 -15.13 -16.91 -17.82
N LYS B 29 -14.81 -18.14 -17.45
CA LYS B 29 -15.81 -19.05 -16.87
C LYS B 29 -15.40 -19.39 -15.45
N PHE B 30 -16.29 -19.13 -14.50
CA PHE B 30 -15.98 -19.41 -13.10
C PHE B 30 -16.81 -20.56 -12.56
N HIS B 31 -16.13 -21.52 -11.94
CA HIS B 31 -16.80 -22.67 -11.34
C HIS B 31 -16.40 -22.80 -9.88
N VAL B 32 -17.27 -23.42 -9.09
CA VAL B 32 -16.98 -23.62 -7.67
C VAL B 32 -15.61 -24.28 -7.58
N GLY B 33 -14.79 -23.83 -6.64
CA GLY B 33 -13.46 -24.39 -6.50
C GLY B 33 -12.40 -23.47 -7.07
N ASP B 34 -12.83 -22.54 -7.91
CA ASP B 34 -11.90 -21.57 -8.50
C ASP B 34 -11.64 -20.46 -7.50
N SER B 35 -10.69 -19.60 -7.84
CA SER B 35 -10.36 -18.48 -6.98
C SER B 35 -10.07 -17.27 -7.84
N LEU B 36 -10.25 -16.08 -7.25
CA LEU B 36 -9.98 -14.84 -7.95
C LEU B 36 -8.70 -14.27 -7.35
N LEU B 37 -7.89 -13.63 -8.18
CA LEU B 37 -6.66 -13.03 -7.70
C LEU B 37 -6.69 -11.55 -8.10
N PHE B 38 -6.72 -10.68 -7.09
CA PHE B 38 -6.73 -9.24 -7.32
C PHE B 38 -5.34 -8.69 -7.03
N ASN B 39 -4.68 -8.18 -8.06
CA ASN B 39 -3.34 -7.61 -7.93
C ASN B 39 -3.45 -6.11 -8.07
N TYR B 40 -2.92 -5.37 -7.10
CA TYR B 40 -3.01 -3.92 -7.16
C TYR B 40 -2.07 -3.29 -6.15
N ASN B 41 -1.90 -1.97 -6.28
CA ASN B 41 -1.08 -1.21 -5.35
C ASN B 41 -2.01 -1.00 -4.16
N ASN B 42 -1.77 -1.70 -3.06
CA ASN B 42 -2.68 -1.60 -1.92
C ASN B 42 -2.68 -0.32 -1.11
N LYS B 43 -1.84 0.65 -1.47
CA LYS B 43 -1.87 1.90 -0.74
C LYS B 43 -2.96 2.77 -1.37
N PHE B 44 -3.28 2.49 -2.63
CA PHE B 44 -4.24 3.27 -3.39
C PHE B 44 -5.55 2.60 -3.81
N HIS B 45 -5.71 1.32 -3.49
CA HIS B 45 -6.92 0.58 -3.83
C HIS B 45 -7.19 -0.48 -2.79
N ASN B 46 -8.39 -1.05 -2.83
CA ASN B 46 -8.74 -2.16 -1.95
C ASN B 46 -9.80 -2.98 -2.68
N VAL B 47 -10.22 -4.08 -2.08
CA VAL B 47 -11.25 -4.90 -2.68
C VAL B 47 -12.31 -5.13 -1.63
N LEU B 48 -13.54 -4.75 -1.94
CA LEU B 48 -14.63 -4.94 -0.99
C LEU B 48 -15.69 -5.85 -1.61
N GLN B 49 -16.15 -6.83 -0.84
CA GLN B 49 -17.22 -7.71 -1.33
C GLN B 49 -18.49 -7.07 -0.83
N VAL B 50 -19.45 -6.86 -1.73
CA VAL B 50 -20.71 -6.22 -1.37
C VAL B 50 -21.89 -6.96 -2.00
N ASP B 51 -23.10 -6.47 -1.74
CA ASP B 51 -24.29 -7.09 -2.32
C ASP B 51 -24.66 -6.38 -3.63
N GLN B 52 -25.65 -6.93 -4.32
CA GLN B 52 -26.10 -6.36 -5.59
C GLN B 52 -26.52 -4.90 -5.47
N GLU B 53 -27.22 -4.56 -4.40
CA GLU B 53 -27.68 -3.20 -4.17
C GLU B 53 -26.52 -2.23 -4.04
N GLN B 54 -25.55 -2.56 -3.18
CA GLN B 54 -24.39 -1.72 -2.96
C GLN B 54 -23.53 -1.64 -4.22
N PHE B 55 -23.49 -2.72 -4.98
CA PHE B 55 -22.71 -2.79 -6.21
C PHE B 55 -23.22 -1.78 -7.23
N LYS B 56 -24.53 -1.77 -7.45
CA LYS B 56 -25.14 -0.87 -8.41
C LYS B 56 -24.99 0.60 -8.06
N SER B 57 -25.06 0.92 -6.77
CA SER B 57 -24.94 2.30 -6.33
C SER B 57 -23.53 2.67 -5.88
N CYS B 58 -22.59 1.75 -6.04
CA CYS B 58 -21.21 1.98 -5.65
C CYS B 58 -21.11 2.40 -4.18
N ASN B 59 -21.89 1.74 -3.34
CA ASN B 59 -21.89 2.03 -1.91
C ASN B 59 -20.89 1.11 -1.22
N SER B 60 -19.91 1.70 -0.54
CA SER B 60 -18.88 0.92 0.14
C SER B 60 -18.87 1.13 1.65
N SER B 61 -20.01 1.57 2.19
CA SER B 61 -20.09 1.83 3.63
C SER B 61 -20.16 0.60 4.53
N SER B 62 -20.85 -0.45 4.08
CA SER B 62 -20.97 -1.65 4.90
C SER B 62 -20.66 -2.93 4.12
N PRO B 63 -19.37 -3.16 3.83
CA PRO B 63 -18.93 -4.34 3.08
C PRO B 63 -19.03 -5.64 3.86
N ALA B 64 -19.23 -6.74 3.13
CA ALA B 64 -19.32 -8.06 3.74
C ALA B 64 -17.91 -8.48 4.14
N ALA B 65 -16.94 -8.02 3.37
CA ALA B 65 -15.54 -8.33 3.62
C ALA B 65 -14.66 -7.30 2.94
N SER B 66 -13.54 -6.98 3.56
CA SER B 66 -12.60 -5.99 3.03
C SER B 66 -11.23 -6.65 2.89
N TYR B 67 -10.68 -6.63 1.68
CA TYR B 67 -9.36 -7.22 1.40
C TYR B 67 -8.41 -6.07 1.06
N THR B 68 -7.20 -6.14 1.62
CA THR B 68 -6.24 -5.06 1.41
C THR B 68 -4.79 -5.52 1.26
N SER B 69 -4.57 -6.75 0.81
CA SER B 69 -3.19 -7.26 0.70
C SER B 69 -2.45 -6.85 -0.59
N GLY B 70 -3.20 -6.46 -1.61
CA GLY B 70 -2.56 -6.09 -2.87
C GLY B 70 -2.41 -7.30 -3.78
N ALA B 71 -2.69 -8.48 -3.24
CA ALA B 71 -2.61 -9.74 -3.99
C ALA B 71 -3.59 -10.70 -3.33
N ASP B 72 -4.85 -10.29 -3.28
CA ASP B 72 -5.89 -11.08 -2.65
C ASP B 72 -6.33 -12.30 -3.43
N SER B 73 -6.25 -13.44 -2.79
CA SER B 73 -6.69 -14.70 -3.40
C SER B 73 -8.03 -14.99 -2.73
N ILE B 74 -9.10 -14.91 -3.52
CA ILE B 74 -10.44 -15.13 -2.99
C ILE B 74 -11.09 -16.37 -3.58
N PRO B 75 -11.28 -17.41 -2.76
CA PRO B 75 -11.90 -18.66 -3.20
C PRO B 75 -13.39 -18.53 -3.48
N LEU B 76 -13.86 -19.28 -4.48
CA LEU B 76 -15.26 -19.27 -4.86
C LEU B 76 -15.80 -20.68 -4.59
N LYS B 77 -16.36 -20.90 -3.40
CA LYS B 77 -16.87 -22.22 -3.04
C LYS B 77 -18.38 -22.33 -3.03
N ARG B 78 -19.06 -21.43 -3.73
CA ARG B 78 -20.51 -21.45 -3.79
C ARG B 78 -21.01 -20.87 -5.10
N PRO B 79 -21.94 -21.55 -5.78
CA PRO B 79 -22.45 -21.04 -7.05
C PRO B 79 -23.28 -19.78 -6.82
N GLY B 80 -23.43 -18.96 -7.84
CA GLY B 80 -24.20 -17.75 -7.71
C GLY B 80 -23.46 -16.53 -8.22
N THR B 81 -23.89 -15.35 -7.80
CA THR B 81 -23.26 -14.10 -8.24
C THR B 81 -22.60 -13.37 -7.08
N PHE B 82 -21.36 -12.93 -7.29
CA PHE B 82 -20.60 -12.19 -6.28
C PHE B 82 -20.24 -10.82 -6.83
N TYR B 83 -20.25 -9.82 -5.96
CA TYR B 83 -19.93 -8.45 -6.37
C TYR B 83 -18.75 -7.86 -5.61
N PHE B 84 -17.82 -7.27 -6.35
CA PHE B 84 -16.65 -6.66 -5.76
C PHE B 84 -16.41 -5.28 -6.33
N LEU B 85 -15.92 -4.37 -5.50
CA LEU B 85 -15.63 -3.03 -5.96
C LEU B 85 -14.51 -2.45 -5.11
N CYS B 86 -13.91 -1.38 -5.60
CA CYS B 86 -12.86 -0.70 -4.86
C CYS B 86 -13.57 0.39 -4.08
N GLY B 87 -13.33 0.45 -2.78
CA GLY B 87 -13.99 1.43 -1.94
C GLY B 87 -13.34 2.80 -1.84
N ILE B 88 -12.19 2.99 -2.50
CA ILE B 88 -11.53 4.28 -2.47
C ILE B 88 -12.46 5.27 -3.16
N PRO B 89 -12.68 6.45 -2.55
CA PRO B 89 -13.56 7.47 -3.13
C PRO B 89 -13.48 7.64 -4.64
N GLY B 90 -14.63 7.44 -5.29
CA GLY B 90 -14.72 7.62 -6.73
C GLY B 90 -14.22 6.51 -7.65
N HIS B 91 -13.44 5.57 -7.13
CA HIS B 91 -12.91 4.51 -7.98
C HIS B 91 -13.99 3.58 -8.55
N CYS B 92 -15.00 3.28 -7.74
CA CYS B 92 -16.08 2.42 -8.20
C CYS B 92 -16.82 3.10 -9.35
N GLN B 93 -17.03 4.41 -9.20
CA GLN B 93 -17.73 5.18 -10.22
C GLN B 93 -16.95 5.25 -11.54
N LEU B 94 -15.63 5.13 -11.46
CA LEU B 94 -14.79 5.17 -12.65
C LEU B 94 -14.81 3.80 -13.34
N GLY B 95 -15.48 2.83 -12.70
CA GLY B 95 -15.58 1.51 -13.29
C GLY B 95 -14.81 0.39 -12.61
N GLN B 96 -14.18 0.67 -11.48
CA GLN B 96 -13.43 -0.37 -10.79
C GLN B 96 -14.35 -1.20 -9.90
N LYS B 97 -15.11 -2.07 -10.55
CA LYS B 97 -16.05 -2.95 -9.89
C LYS B 97 -16.22 -4.15 -10.82
N VAL B 98 -16.56 -5.30 -10.27
CA VAL B 98 -16.73 -6.47 -11.12
C VAL B 98 -17.75 -7.45 -10.56
N GLU B 99 -18.61 -7.96 -11.45
CA GLU B 99 -19.64 -8.92 -11.08
C GLU B 99 -19.16 -10.29 -11.54
N ILE B 100 -19.17 -11.26 -10.64
CA ILE B 100 -18.71 -12.60 -10.95
C ILE B 100 -19.82 -13.63 -10.81
N LYS B 101 -20.08 -14.38 -11.89
CA LYS B 101 -21.10 -15.42 -11.88
C LYS B 101 -20.42 -16.78 -11.86
N VAL B 102 -20.65 -17.54 -10.80
CA VAL B 102 -20.04 -18.86 -10.66
C VAL B 102 -21.01 -19.96 -11.09
N ASP B 103 -20.52 -20.86 -11.95
CA ASP B 103 -21.32 -21.97 -12.46
C ASP B 103 -22.42 -21.50 -13.41
N MET C 1 30.02 -3.14 -11.67
CA MET C 1 29.85 -1.84 -12.36
C MET C 1 28.39 -1.60 -12.75
N ALA C 2 27.52 -2.51 -12.35
CA ALA C 2 26.09 -2.42 -12.65
C ALA C 2 25.32 -3.58 -12.02
N THR C 3 25.04 -3.47 -10.72
CA THR C 3 24.31 -4.52 -10.02
C THR C 3 23.14 -3.95 -9.22
N VAL C 4 22.06 -4.72 -9.19
CA VAL C 4 20.87 -4.32 -8.44
C VAL C 4 20.88 -5.10 -7.12
N HIS C 5 20.90 -4.37 -6.01
CA HIS C 5 20.91 -5.02 -4.71
C HIS C 5 19.52 -5.01 -4.07
N LYS C 6 19.00 -6.20 -3.83
CA LYS C 6 17.68 -6.37 -3.22
C LYS C 6 17.86 -6.26 -1.70
N VAL C 7 17.38 -5.16 -1.14
CA VAL C 7 17.51 -4.92 0.31
C VAL C 7 16.83 -6.01 1.12
N GLY C 8 17.61 -6.74 1.91
CA GLY C 8 17.10 -7.80 2.75
C GLY C 8 16.84 -9.08 1.95
N ASP C 9 17.37 -9.11 0.73
CA ASP C 9 17.20 -10.25 -0.15
C ASP C 9 15.74 -10.68 -0.26
N SER C 10 15.44 -11.96 -0.07
CA SER C 10 14.06 -12.43 -0.20
C SER C 10 13.14 -11.95 0.92
N THR C 11 13.72 -11.56 2.04
CA THR C 11 12.94 -11.09 3.19
C THR C 11 12.37 -9.71 2.91
N GLY C 12 13.11 -8.92 2.14
CA GLY C 12 12.64 -7.59 1.82
C GLY C 12 12.77 -6.60 2.96
N TRP C 13 11.99 -5.52 2.87
CA TRP C 13 11.97 -4.41 3.81
C TRP C 13 10.74 -4.62 4.70
N THR C 14 10.95 -5.07 5.92
CA THR C 14 9.83 -5.39 6.82
C THR C 14 10.20 -5.30 8.30
N THR C 15 9.19 -5.41 9.16
CA THR C 15 9.38 -5.40 10.61
C THR C 15 8.69 -6.62 11.23
N LEU C 16 8.08 -7.46 10.39
CA LEU C 16 7.36 -8.64 10.88
C LEU C 16 8.28 -9.54 11.70
N VAL C 17 9.53 -9.66 11.26
CA VAL C 17 10.50 -10.47 11.98
C VAL C 17 11.78 -9.64 12.11
N PRO C 18 12.58 -9.92 13.15
CA PRO C 18 13.82 -9.16 13.29
C PRO C 18 14.70 -9.54 12.11
N TYR C 19 15.28 -8.55 11.45
CA TYR C 19 16.17 -8.82 10.33
C TYR C 19 17.33 -7.86 10.44
N ASP C 20 18.54 -8.41 10.36
CA ASP C 20 19.73 -7.59 10.49
C ASP C 20 20.11 -6.89 9.18
N TYR C 21 19.59 -5.69 8.97
CA TYR C 21 19.91 -4.96 7.75
C TYR C 21 21.37 -4.52 7.72
N ALA C 22 21.96 -4.34 8.89
CA ALA C 22 23.36 -3.92 8.97
C ALA C 22 24.26 -5.04 8.42
N LYS C 23 23.93 -6.28 8.75
CA LYS C 23 24.70 -7.42 8.26
C LYS C 23 24.48 -7.58 6.76
N TRP C 24 23.27 -7.29 6.31
CA TRP C 24 22.98 -7.41 4.88
C TRP C 24 23.85 -6.43 4.10
N ALA C 25 23.94 -5.19 4.60
CA ALA C 25 24.73 -4.16 3.94
C ALA C 25 26.21 -4.54 3.92
N SER C 26 26.70 -5.08 5.03
CA SER C 26 28.09 -5.48 5.15
C SER C 26 28.45 -6.69 4.30
N SER C 27 27.42 -7.46 3.93
CA SER C 27 27.64 -8.65 3.11
C SER C 27 27.57 -8.34 1.63
N ASN C 28 27.37 -7.06 1.31
CA ASN C 28 27.29 -6.64 -0.09
C ASN C 28 28.29 -5.54 -0.40
N LYS C 29 28.64 -5.42 -1.67
CA LYS C 29 29.58 -4.41 -2.12
C LYS C 29 28.84 -3.46 -3.05
N PHE C 30 28.79 -2.18 -2.69
CA PHE C 30 28.09 -1.20 -3.50
C PHE C 30 29.05 -0.28 -4.25
N HIS C 31 28.83 -0.16 -5.56
CA HIS C 31 29.66 0.67 -6.41
C HIS C 31 28.79 1.66 -7.18
N VAL C 32 29.35 2.81 -7.53
CA VAL C 32 28.61 3.82 -8.27
C VAL C 32 28.03 3.15 -9.50
N GLY C 33 26.78 3.50 -9.82
CA GLY C 33 26.12 2.90 -10.97
C GLY C 33 25.16 1.82 -10.54
N ASP C 34 25.36 1.29 -9.33
CA ASP C 34 24.48 0.25 -8.80
C ASP C 34 23.16 0.89 -8.36
N SER C 35 22.21 0.06 -8.01
CA SER C 35 20.92 0.54 -7.54
C SER C 35 20.44 -0.36 -6.41
N LEU C 36 19.57 0.20 -5.57
CA LEU C 36 19.00 -0.54 -4.46
C LEU C 36 17.55 -0.81 -4.82
N LEU C 37 17.04 -1.97 -4.40
CA LEU C 37 15.65 -2.31 -4.65
C LEU C 37 14.99 -2.62 -3.32
N PHE C 38 14.03 -1.78 -2.92
CA PHE C 38 13.30 -1.99 -1.67
C PHE C 38 11.93 -2.57 -1.98
N ASN C 39 11.69 -3.81 -1.55
CA ASN C 39 10.41 -4.47 -1.78
C ASN C 39 9.66 -4.55 -0.47
N TYR C 40 8.42 -4.07 -0.46
CA TYR C 40 7.64 -4.08 0.77
C TYR C 40 6.18 -3.82 0.50
N ASN C 41 5.36 -4.04 1.52
CA ASN C 41 3.93 -3.79 1.45
C ASN C 41 3.86 -2.28 1.66
N ASN C 42 3.59 -1.51 0.60
CA ASN C 42 3.59 -0.05 0.76
C ASN C 42 2.43 0.59 1.51
N LYS C 43 1.49 -0.21 2.00
CA LYS C 43 0.42 0.38 2.79
C LYS C 43 0.93 0.50 4.22
N PHE C 44 1.92 -0.33 4.55
CA PHE C 44 2.45 -0.40 5.91
C PHE C 44 3.89 0.04 6.13
N HIS C 45 4.59 0.41 5.07
CA HIS C 45 5.98 0.84 5.18
C HIS C 45 6.28 1.86 4.08
N ASN C 46 7.41 2.55 4.22
CA ASN C 46 7.87 3.48 3.19
C ASN C 46 9.38 3.51 3.30
N VAL C 47 10.01 4.26 2.40
CA VAL C 47 11.46 4.37 2.43
C VAL C 47 11.80 5.85 2.39
N LEU C 48 12.51 6.34 3.41
CA LEU C 48 12.89 7.74 3.45
C LEU C 48 14.40 7.85 3.43
N GLN C 49 14.92 8.75 2.60
CA GLN C 49 16.36 8.97 2.57
C GLN C 49 16.57 10.13 3.54
N VAL C 50 17.50 9.96 4.45
CA VAL C 50 17.77 10.97 5.47
C VAL C 50 19.28 11.17 5.63
N ASP C 51 19.68 12.09 6.51
CA ASP C 51 21.08 12.32 6.76
C ASP C 51 21.56 11.52 7.97
N GLN C 52 22.85 11.62 8.28
CA GLN C 52 23.43 10.90 9.41
C GLN C 52 22.73 11.13 10.75
N GLU C 53 22.50 12.40 11.08
CA GLU C 53 21.85 12.75 12.34
C GLU C 53 20.46 12.12 12.45
N GLN C 54 19.66 12.31 11.41
CA GLN C 54 18.31 11.77 11.39
C GLN C 54 18.31 10.25 11.47
N PHE C 55 19.30 9.62 10.82
CA PHE C 55 19.42 8.18 10.81
C PHE C 55 19.64 7.63 12.23
N LYS C 56 20.59 8.24 12.95
CA LYS C 56 20.90 7.81 14.30
C LYS C 56 19.78 8.03 15.31
N SER C 57 19.02 9.11 15.15
CA SER C 57 17.93 9.41 16.07
C SER C 57 16.58 8.94 15.54
N CYS C 58 16.59 8.25 14.40
CA CYS C 58 15.36 7.76 13.80
C CYS C 58 14.35 8.87 13.58
N ASN C 59 14.83 10.02 13.14
CA ASN C 59 13.98 11.17 12.87
C ASN C 59 13.52 11.15 11.41
N SER C 60 12.21 11.07 11.20
CA SER C 60 11.65 11.03 9.87
C SER C 60 10.87 12.30 9.52
N SER C 61 11.13 13.37 10.26
CA SER C 61 10.44 14.63 10.05
C SER C 61 10.69 15.32 8.71
N SER C 62 11.95 15.54 8.36
CA SER C 62 12.26 16.21 7.10
C SER C 62 13.19 15.38 6.21
N PRO C 63 12.63 14.38 5.52
CA PRO C 63 13.41 13.52 4.64
C PRO C 63 13.86 14.23 3.38
N ALA C 64 14.98 13.76 2.82
CA ALA C 64 15.51 14.34 1.59
C ALA C 64 14.65 13.83 0.43
N ALA C 65 14.13 12.62 0.59
CA ALA C 65 13.28 12.02 -0.42
C ALA C 65 12.42 10.94 0.23
N SER C 66 11.19 10.79 -0.27
CA SER C 66 10.26 9.80 0.24
C SER C 66 9.82 8.88 -0.89
N TYR C 67 10.02 7.57 -0.72
CA TYR C 67 9.64 6.58 -1.72
C TYR C 67 8.51 5.74 -1.15
N THR C 68 7.49 5.48 -1.96
CA THR C 68 6.32 4.75 -1.47
C THR C 68 5.72 3.78 -2.49
N SER C 69 6.51 3.30 -3.44
CA SER C 69 5.95 2.41 -4.46
C SER C 69 5.86 0.94 -4.08
N GLY C 70 6.61 0.53 -3.05
CA GLY C 70 6.59 -0.87 -2.65
C GLY C 70 7.63 -1.68 -3.40
N ALA C 71 8.25 -1.05 -4.40
CA ALA C 71 9.29 -1.69 -5.20
C ALA C 71 10.19 -0.57 -5.72
N ASP C 72 10.74 0.18 -4.79
CA ASP C 72 11.58 1.33 -5.13
C ASP C 72 12.97 0.96 -5.65
N SER C 73 13.28 1.45 -6.84
CA SER C 73 14.58 1.23 -7.46
C SER C 73 15.32 2.55 -7.27
N ILE C 74 16.34 2.54 -6.43
CA ILE C 74 17.09 3.75 -6.14
C ILE C 74 18.53 3.67 -6.62
N PRO C 75 18.87 4.45 -7.66
CA PRO C 75 20.22 4.46 -8.21
C PRO C 75 21.25 5.12 -7.29
N LEU C 76 22.45 4.56 -7.27
CA LEU C 76 23.55 5.08 -6.48
C LEU C 76 24.50 5.72 -7.49
N LYS C 77 24.37 7.02 -7.69
CA LYS C 77 25.18 7.72 -8.67
C LYS C 77 26.40 8.47 -8.14
N ARG C 78 26.66 8.37 -6.84
CA ARG C 78 27.81 9.07 -6.27
C ARG C 78 28.39 8.34 -5.07
N PRO C 79 29.72 8.36 -4.92
CA PRO C 79 30.38 7.68 -3.80
C PRO C 79 30.00 8.34 -2.49
N GLY C 80 30.10 7.59 -1.39
CA GLY C 80 29.75 8.15 -0.10
C GLY C 80 28.82 7.25 0.69
N THR C 81 28.29 7.77 1.79
CA THR C 81 27.37 7.01 2.63
C THR C 81 25.95 7.55 2.51
N PHE C 82 25.00 6.64 2.34
CA PHE C 82 23.59 7.01 2.22
C PHE C 82 22.80 6.33 3.32
N TYR C 83 21.81 7.04 3.87
CA TYR C 83 21.00 6.50 4.95
C TYR C 83 19.52 6.42 4.60
N PHE C 84 18.91 5.28 4.91
CA PHE C 84 17.50 5.08 4.64
C PHE C 84 16.81 4.47 5.85
N LEU C 85 15.55 4.83 6.05
CA LEU C 85 14.80 4.29 7.15
C LEU C 85 13.32 4.32 6.81
N CYS C 86 12.55 3.54 7.56
CA CYS C 86 11.11 3.53 7.36
C CYS C 86 10.57 4.55 8.33
N GLY C 87 9.75 5.47 7.83
CA GLY C 87 9.19 6.52 8.67
C GLY C 87 7.92 6.20 9.42
N ILE C 88 7.35 5.00 9.21
CA ILE C 88 6.14 4.62 9.92
C ILE C 88 6.49 4.56 11.40
N PRO C 89 5.65 5.17 12.26
CA PRO C 89 5.86 5.21 13.71
C PRO C 89 6.47 3.95 14.32
N GLY C 90 7.65 4.13 14.93
CA GLY C 90 8.34 3.05 15.60
C GLY C 90 9.09 2.00 14.78
N HIS C 91 8.89 1.97 13.47
CA HIS C 91 9.57 0.97 12.65
C HIS C 91 11.09 1.14 12.60
N CYS C 92 11.54 2.39 12.58
CA CYS C 92 12.98 2.66 12.55
C CYS C 92 13.61 2.16 13.83
N GLN C 93 12.93 2.37 14.95
CA GLN C 93 13.44 1.95 16.25
C GLN C 93 13.51 0.42 16.36
N LEU C 94 12.65 -0.27 15.60
CA LEU C 94 12.65 -1.73 15.61
C LEU C 94 13.80 -2.27 14.76
N GLY C 95 14.51 -1.36 14.09
CA GLY C 95 15.63 -1.77 13.27
C GLY C 95 15.46 -1.66 11.76
N GLN C 96 14.34 -1.10 11.31
CA GLN C 96 14.13 -0.98 9.87
C GLN C 96 14.80 0.29 9.36
N LYS C 97 16.11 0.22 9.24
CA LYS C 97 16.92 1.34 8.77
C LYS C 97 18.18 0.70 8.20
N VAL C 98 18.82 1.37 7.25
CA VAL C 98 20.03 0.79 6.67
C VAL C 98 21.00 1.85 6.17
N GLU C 99 22.28 1.63 6.42
CA GLU C 99 23.34 2.53 6.01
C GLU C 99 24.05 1.90 4.82
N ILE C 100 24.18 2.66 3.75
CA ILE C 100 24.83 2.16 2.52
C ILE C 100 26.10 2.92 2.20
N LYS C 101 27.20 2.20 2.08
CA LYS C 101 28.50 2.79 1.74
C LYS C 101 28.80 2.46 0.28
N VAL C 102 28.84 3.48 -0.56
CA VAL C 102 29.09 3.29 -1.98
C VAL C 102 30.53 3.54 -2.40
N ASP C 103 30.96 2.81 -3.42
CA ASP C 103 32.32 2.92 -3.96
C ASP C 103 33.34 2.35 -2.99
N MET D 1 -7.96 -26.40 -0.54
CA MET D 1 -9.04 -25.43 -0.24
C MET D 1 -8.62 -24.45 0.87
N ALA D 2 -9.57 -23.63 1.30
CA ALA D 2 -9.32 -22.64 2.34
C ALA D 2 -10.58 -22.41 3.17
N THR D 3 -10.42 -21.92 4.39
CA THR D 3 -11.55 -21.66 5.27
C THR D 3 -11.48 -20.29 5.90
N VAL D 4 -12.63 -19.64 6.04
CA VAL D 4 -12.72 -18.32 6.65
C VAL D 4 -13.11 -18.52 8.12
N HIS D 5 -12.28 -18.01 9.02
CA HIS D 5 -12.57 -18.13 10.44
C HIS D 5 -13.06 -16.79 10.96
N LYS D 6 -14.32 -16.75 11.43
CA LYS D 6 -14.87 -15.51 11.97
C LYS D 6 -14.44 -15.39 13.42
N VAL D 7 -13.58 -14.43 13.70
CA VAL D 7 -13.05 -14.21 15.04
C VAL D 7 -14.16 -13.91 16.05
N GLY D 8 -14.26 -14.77 17.07
CA GLY D 8 -15.28 -14.57 18.10
C GLY D 8 -16.63 -15.12 17.69
N ASP D 9 -16.68 -15.79 16.56
CA ASP D 9 -17.93 -16.35 16.06
C ASP D 9 -19.01 -15.26 16.02
N SER D 10 -20.21 -15.58 16.47
CA SER D 10 -21.30 -14.60 16.45
C SER D 10 -21.06 -13.37 17.33
N THR D 11 -20.17 -13.49 18.31
CA THR D 11 -19.86 -12.38 19.20
C THR D 11 -19.01 -11.33 18.53
N GLY D 12 -18.15 -11.78 17.61
CA GLY D 12 -17.30 -10.84 16.90
C GLY D 12 -16.12 -10.32 17.70
N TRP D 13 -15.54 -9.23 17.21
CA TRP D 13 -14.38 -8.56 17.80
C TRP D 13 -14.96 -7.40 18.60
N THR D 14 -14.98 -7.54 19.93
CA THR D 14 -15.59 -6.52 20.79
C THR D 14 -15.02 -6.44 22.21
N THR D 15 -15.45 -5.41 22.94
CA THR D 15 -15.05 -5.24 24.34
C THR D 15 -16.33 -5.02 25.16
N LEU D 16 -17.49 -5.10 24.52
CA LEU D 16 -18.77 -4.88 25.20
C LEU D 16 -18.90 -5.78 26.43
N VAL D 17 -18.48 -7.03 26.27
CA VAL D 17 -18.49 -8.01 27.36
C VAL D 17 -17.18 -8.78 27.28
N PRO D 18 -16.79 -9.42 28.38
CA PRO D 18 -15.53 -10.18 28.35
C PRO D 18 -15.72 -11.33 27.36
N TYR D 19 -14.68 -11.64 26.60
CA TYR D 19 -14.74 -12.75 25.66
C TYR D 19 -13.34 -13.35 25.60
N ASP D 20 -13.27 -14.67 25.74
CA ASP D 20 -11.98 -15.35 25.73
C ASP D 20 -11.55 -15.71 24.31
N TYR D 21 -10.79 -14.82 23.68
CA TYR D 21 -10.34 -15.07 22.32
C TYR D 21 -9.33 -16.21 22.24
N ALA D 22 -8.65 -16.49 23.35
CA ALA D 22 -7.68 -17.59 23.38
C ALA D 22 -8.42 -18.91 23.23
N LYS D 23 -9.59 -19.01 23.87
CA LYS D 23 -10.41 -20.21 23.78
C LYS D 23 -10.95 -20.34 22.37
N TRP D 24 -11.30 -19.22 21.77
CA TRP D 24 -11.81 -19.23 20.41
C TRP D 24 -10.74 -19.80 19.48
N ALA D 25 -9.53 -19.27 19.61
CA ALA D 25 -8.43 -19.71 18.76
C ALA D 25 -8.12 -21.20 18.94
N SER D 26 -8.14 -21.67 20.18
CA SER D 26 -7.86 -23.07 20.47
C SER D 26 -8.91 -24.04 19.92
N SER D 27 -10.13 -23.54 19.71
CA SER D 27 -11.20 -24.37 19.21
C SER D 27 -11.19 -24.43 17.68
N ASN D 28 -10.27 -23.69 17.07
CA ASN D 28 -10.15 -23.64 15.62
C ASN D 28 -8.83 -24.24 15.17
N LYS D 29 -8.77 -24.67 13.91
CA LYS D 29 -7.55 -25.22 13.33
C LYS D 29 -7.24 -24.32 12.15
N PHE D 30 -6.13 -23.59 12.22
CA PHE D 30 -5.75 -22.68 11.15
C PHE D 30 -4.72 -23.28 10.20
N HIS D 31 -5.03 -23.26 8.92
CA HIS D 31 -4.13 -23.80 7.89
C HIS D 31 -3.71 -22.72 6.92
N VAL D 32 -2.55 -22.92 6.28
CA VAL D 32 -2.08 -21.97 5.30
C VAL D 32 -3.15 -21.91 4.22
N GLY D 33 -3.48 -20.69 3.80
CA GLY D 33 -4.51 -20.53 2.79
C GLY D 33 -5.81 -20.05 3.40
N ASP D 34 -5.92 -20.18 4.72
CA ASP D 34 -7.12 -19.76 5.45
C ASP D 34 -7.10 -18.24 5.63
N SER D 35 -8.21 -17.69 6.11
CA SER D 35 -8.28 -16.26 6.36
C SER D 35 -9.05 -16.03 7.64
N LEU D 36 -8.84 -14.86 8.23
CA LEU D 36 -9.53 -14.47 9.46
C LEU D 36 -10.47 -13.34 9.08
N LEU D 37 -11.66 -13.35 9.66
CA LEU D 37 -12.62 -12.29 9.38
C LEU D 37 -12.94 -11.61 10.71
N PHE D 38 -12.57 -10.33 10.82
CA PHE D 38 -12.82 -9.55 12.04
C PHE D 38 -14.00 -8.63 11.79
N ASN D 39 -15.09 -8.84 12.52
CA ASN D 39 -16.30 -8.03 12.40
C ASN D 39 -16.41 -7.17 13.64
N TYR D 40 -16.54 -5.86 13.46
CA TYR D 40 -16.64 -4.95 14.58
C TYR D 40 -17.12 -3.58 14.14
N ASN D 41 -17.46 -2.74 15.12
CA ASN D 41 -17.89 -1.38 14.84
C ASN D 41 -16.58 -0.61 14.74
N ASN D 42 -16.20 -0.16 13.55
CA ASN D 42 -14.93 0.53 13.41
C ASN D 42 -14.82 1.91 14.05
N LYS D 43 -15.87 2.34 14.75
CA LYS D 43 -15.83 3.61 15.44
C LYS D 43 -15.26 3.35 16.84
N PHE D 44 -15.23 2.08 17.23
CA PHE D 44 -14.73 1.68 18.54
C PHE D 44 -13.50 0.79 18.54
N HIS D 45 -13.22 0.09 17.44
CA HIS D 45 -12.09 -0.83 17.40
C HIS D 45 -11.33 -0.85 16.08
N ASN D 46 -10.20 -1.54 16.10
CA ASN D 46 -9.39 -1.75 14.90
C ASN D 46 -8.64 -3.06 15.11
N VAL D 47 -7.85 -3.46 14.13
CA VAL D 47 -7.09 -4.70 14.24
C VAL D 47 -5.66 -4.38 13.85
N LEU D 48 -4.72 -4.67 14.74
CA LEU D 48 -3.32 -4.42 14.44
C LEU D 48 -2.54 -5.72 14.53
N GLN D 49 -1.63 -5.92 13.58
CA GLN D 49 -0.80 -7.12 13.62
C GLN D 49 0.50 -6.68 14.29
N VAL D 50 0.94 -7.45 15.28
CA VAL D 50 2.14 -7.12 16.04
C VAL D 50 3.00 -8.37 16.23
N ASP D 51 4.14 -8.23 16.90
CA ASP D 51 4.98 -9.40 17.13
C ASP D 51 4.70 -9.93 18.54
N GLN D 52 5.32 -11.05 18.88
CA GLN D 52 5.10 -11.67 20.18
C GLN D 52 5.35 -10.75 21.38
N GLU D 53 6.46 -10.01 21.33
CA GLU D 53 6.82 -9.10 22.40
C GLU D 53 5.75 -8.02 22.61
N GLN D 54 5.33 -7.40 21.52
CA GLN D 54 4.32 -6.34 21.59
C GLN D 54 2.99 -6.94 22.06
N PHE D 55 2.70 -8.14 21.61
CA PHE D 55 1.48 -8.84 21.98
C PHE D 55 1.40 -9.05 23.49
N LYS D 56 2.48 -9.59 24.07
CA LYS D 56 2.51 -9.85 25.50
C LYS D 56 2.38 -8.61 26.36
N SER D 57 2.95 -7.51 25.90
CA SER D 57 2.91 -6.26 26.64
C SER D 57 1.79 -5.32 26.20
N CYS D 58 0.98 -5.76 25.25
CA CYS D 58 -0.11 -4.93 24.73
C CYS D 58 0.42 -3.61 24.20
N ASN D 59 1.53 -3.68 23.48
CA ASN D 59 2.15 -2.49 22.89
C ASN D 59 1.60 -2.32 21.47
N SER D 60 0.85 -1.25 21.26
CA SER D 60 0.26 -0.99 19.94
C SER D 60 0.88 0.22 19.24
N SER D 61 2.04 0.65 19.70
CA SER D 61 2.69 1.83 19.14
C SER D 61 3.38 1.66 17.78
N SER D 62 3.79 0.43 17.45
CA SER D 62 4.47 0.20 16.18
C SER D 62 4.03 -1.09 15.51
N PRO D 63 2.79 -1.13 15.02
CA PRO D 63 2.20 -2.30 14.34
C PRO D 63 2.85 -2.62 12.99
N ALA D 64 2.86 -3.89 12.64
CA ALA D 64 3.41 -4.33 11.36
C ALA D 64 2.36 -4.11 10.27
N ALA D 65 1.09 -4.13 10.66
CA ALA D 65 -0.03 -3.92 9.74
C ALA D 65 -1.22 -3.40 10.52
N SER D 66 -2.10 -2.67 9.83
CA SER D 66 -3.28 -2.09 10.48
C SER D 66 -4.50 -2.28 9.60
N TYR D 67 -5.63 -2.58 10.22
CA TYR D 67 -6.90 -2.79 9.51
C TYR D 67 -7.96 -2.02 10.27
N THR D 68 -8.85 -1.34 9.54
CA THR D 68 -9.88 -0.52 10.18
C THR D 68 -11.24 -0.53 9.48
N SER D 69 -11.52 -1.55 8.69
CA SER D 69 -12.78 -1.57 7.94
C SER D 69 -14.03 -2.03 8.69
N GLY D 70 -13.83 -2.80 9.76
CA GLY D 70 -14.97 -3.32 10.51
C GLY D 70 -15.39 -4.68 9.97
N ALA D 71 -14.75 -5.11 8.89
CA ALA D 71 -15.04 -6.41 8.27
C ALA D 71 -13.76 -6.85 7.55
N ASP D 72 -12.65 -6.82 8.29
CA ASP D 72 -11.35 -7.15 7.73
C ASP D 72 -11.11 -8.63 7.46
N SER D 73 -10.67 -8.93 6.24
CA SER D 73 -10.33 -10.29 5.88
C SER D 73 -8.80 -10.29 5.84
N ILE D 74 -8.19 -11.11 6.67
CA ILE D 74 -6.73 -11.18 6.75
C ILE D 74 -6.26 -12.57 6.38
N PRO D 75 -5.39 -12.68 5.35
CA PRO D 75 -4.89 -13.98 4.93
C PRO D 75 -3.78 -14.55 5.81
N LEU D 76 -3.76 -15.88 5.92
CA LEU D 76 -2.75 -16.60 6.69
C LEU D 76 -2.00 -17.39 5.62
N LYS D 77 -0.89 -16.84 5.15
CA LYS D 77 -0.15 -17.46 4.06
C LYS D 77 1.08 -18.30 4.36
N ARG D 78 1.55 -18.29 5.60
CA ARG D 78 2.73 -19.08 5.94
C ARG D 78 2.62 -19.69 7.33
N PRO D 79 3.32 -20.82 7.56
CA PRO D 79 3.31 -21.50 8.86
C PRO D 79 4.02 -20.69 9.94
N GLY D 80 3.41 -20.62 11.12
CA GLY D 80 4.00 -19.88 12.21
C GLY D 80 2.93 -19.27 13.10
N THR D 81 3.34 -18.43 14.04
CA THR D 81 2.39 -17.79 14.94
C THR D 81 2.22 -16.32 14.61
N PHE D 82 0.97 -15.88 14.50
CA PHE D 82 0.67 -14.49 14.21
C PHE D 82 -0.08 -13.90 15.39
N TYR D 83 0.10 -12.61 15.61
CA TYR D 83 -0.53 -11.94 16.74
C TYR D 83 -1.33 -10.71 16.33
N PHE D 84 -2.54 -10.59 16.85
CA PHE D 84 -3.39 -9.45 16.53
C PHE D 84 -3.97 -8.86 17.81
N LEU D 85 -4.16 -7.55 17.82
CA LEU D 85 -4.74 -6.89 18.98
C LEU D 85 -5.43 -5.61 18.55
N CYS D 86 -6.32 -5.11 19.40
CA CYS D 86 -7.01 -3.86 19.11
C CYS D 86 -6.13 -2.79 19.76
N GLY D 87 -5.81 -1.75 18.98
CA GLY D 87 -4.94 -0.70 19.47
C GLY D 87 -5.58 0.45 20.22
N ILE D 88 -6.90 0.48 20.29
CA ILE D 88 -7.57 1.57 21.00
C ILE D 88 -7.15 1.45 22.46
N PRO D 89 -6.76 2.57 23.09
CA PRO D 89 -6.33 2.59 24.49
C PRO D 89 -7.14 1.71 25.43
N GLY D 90 -6.44 0.80 26.11
CA GLY D 90 -7.09 -0.08 27.07
C GLY D 90 -7.79 -1.32 26.57
N HIS D 91 -8.03 -1.43 25.27
CA HIS D 91 -8.74 -2.60 24.76
C HIS D 91 -7.96 -3.90 24.82
N CYS D 92 -6.66 -3.82 24.53
CA CYS D 92 -5.83 -5.00 24.58
C CYS D 92 -5.79 -5.53 26.01
N GLN D 93 -5.71 -4.61 26.97
CA GLN D 93 -5.66 -4.98 28.38
C GLN D 93 -6.97 -5.61 28.83
N LEU D 94 -8.07 -5.31 28.14
CA LEU D 94 -9.37 -5.89 28.47
C LEU D 94 -9.46 -7.29 27.87
N GLY D 95 -8.43 -7.68 27.10
CA GLY D 95 -8.42 -9.00 26.51
C GLY D 95 -8.72 -9.08 25.03
N GLN D 96 -8.81 -7.92 24.37
CA GLN D 96 -9.10 -7.93 22.95
C GLN D 96 -7.82 -8.10 22.15
N LYS D 97 -7.36 -9.35 22.11
CA LYS D 97 -6.15 -9.71 21.39
C LYS D 97 -6.21 -11.20 21.15
N VAL D 98 -5.54 -11.67 20.11
CA VAL D 98 -5.58 -13.09 19.82
C VAL D 98 -4.31 -13.59 19.12
N GLU D 99 -3.89 -14.78 19.53
CA GLU D 99 -2.71 -15.45 19.00
C GLU D 99 -3.22 -16.53 18.05
N ILE D 100 -2.70 -16.54 16.83
CA ILE D 100 -3.11 -17.51 15.81
C ILE D 100 -1.97 -18.42 15.40
N LYS D 101 -2.11 -19.72 15.65
CA LYS D 101 -1.08 -20.70 15.28
C LYS D 101 -1.47 -21.34 13.97
N VAL D 102 -0.68 -21.08 12.93
CA VAL D 102 -0.97 -21.63 11.61
C VAL D 102 -0.13 -22.87 11.32
N ASP D 103 -0.80 -24.02 11.21
CA ASP D 103 -0.15 -25.30 10.96
C ASP D 103 1.07 -25.59 11.83
#